data_4WOV
#
_entry.id   4WOV
#
_cell.length_a   41.544
_cell.length_b   63.579
_cell.length_c   68.016
_cell.angle_alpha   74.32
_cell.angle_beta   75.48
_cell.angle_gamma   88.20
#
_symmetry.space_group_name_H-M   'P 1'
#
loop_
_entity.id
_entity.type
_entity.pdbx_description
1 polymer 'Non-receptor tyrosine-protein kinase TYK2'
2 non-polymer 2-methoxy-N-({6-[1-methyl-4-(methylamino)-1,6-dihydroimidazo[4,5-d]pyrrolo[2,3-b]pyridin-7-yl]pyridin-2-yl}methyl)acetamide
3 non-polymer 'SULFATE ION'
4 water water
#
_entity_poly.entity_id   1
_entity_poly.type   'polypeptide(L)'
_entity_poly.pdbx_seq_one_letter_code
;MGSSHHHHHHSSGETVRFQGHMNLSQLSFHRVDQKEITQLSHLGQGTRTNVYEGRLRVEGSGDPEEGKMDDEDPLVPGRD
RGQELRVVLKVLDPSHHDIALAFYETASLMSQVSHTHLAFVHGVCVRGPENIMVTEYVEHGPLDVWLRRERGHVPMAWKM
VVAQQLASALSYLENKNLVHGNVCGRNILLARLGLAEGTSPFIKLSDPGVGLGALSREERVERIPWLAPECLPGGANSLS
TAMDKWGFGATLLEICFDGEAPLQSRSPSEKEHFYQRQHRLPEPSCPQLATLTSQCLTYEPTQRPSFRTILRDLTRL
;
_entity_poly.pdbx_strand_id   A,B
#
loop_
_chem_comp.id
_chem_comp.type
_chem_comp.name
_chem_comp.formula
3SM non-polymer 2-methoxy-N-({6-[1-methyl-4-(methylamino)-1,6-dihydroimidazo[4,5-d]pyrrolo[2,3-b]pyridin-7-yl]pyridin-2-yl}methyl)acetamide 'C19 H21 N7 O2'
SO4 non-polymer 'SULFATE ION' 'O4 S -2'
#
# COMPACT_ATOMS: atom_id res chain seq x y z
N SER A 28 0.95 26.06 -31.50
CA SER A 28 2.10 26.75 -32.07
C SER A 28 3.39 25.95 -31.95
N PHE A 29 4.00 25.63 -33.10
CA PHE A 29 5.28 24.94 -33.15
C PHE A 29 5.88 25.15 -34.52
N HIS A 30 7.19 24.89 -34.64
CA HIS A 30 7.92 25.01 -35.90
C HIS A 30 7.55 23.83 -36.84
N ARG A 31 7.27 24.12 -38.12
CA ARG A 31 6.99 23.08 -39.10
C ARG A 31 8.30 22.71 -39.77
N VAL A 32 8.61 21.42 -39.79
CA VAL A 32 9.84 20.90 -40.40
C VAL A 32 9.44 20.28 -41.72
N ASP A 33 10.14 20.62 -42.82
CA ASP A 33 9.85 20.01 -44.12
C ASP A 33 10.49 18.63 -44.16
N GLN A 34 9.85 17.64 -44.81
CA GLN A 34 10.38 16.27 -44.89
C GLN A 34 11.80 16.21 -45.48
N LYS A 35 12.13 17.13 -46.40
CA LYS A 35 13.47 17.23 -47.00
C LYS A 35 14.57 17.62 -45.96
N GLU A 36 14.18 18.18 -44.80
CA GLU A 36 15.13 18.64 -43.79
C GLU A 36 15.52 17.51 -42.83
N ILE A 37 14.81 16.39 -42.85
CA ILE A 37 15.11 15.30 -41.93
C ILE A 37 15.52 14.00 -42.61
N THR A 38 16.46 13.28 -41.96
CA THR A 38 16.92 11.97 -42.41
C THR A 38 16.66 11.03 -41.24
N GLN A 39 16.02 9.90 -41.51
CA GLN A 39 15.75 8.89 -40.51
C GLN A 39 16.89 7.85 -40.49
N LEU A 40 17.43 7.58 -39.30
CA LEU A 40 18.49 6.57 -39.12
C LEU A 40 17.92 5.35 -38.37
N SER A 41 18.68 4.70 -37.47
CA SER A 41 18.18 3.49 -36.82
C SER A 41 17.04 3.67 -35.82
N HIS A 42 16.25 2.60 -35.66
CA HIS A 42 15.14 2.50 -34.71
C HIS A 42 15.63 2.45 -33.26
N LEU A 43 15.08 3.29 -32.37
CA LEU A 43 15.47 3.30 -30.94
C LEU A 43 14.52 2.46 -30.10
N GLY A 44 13.25 2.45 -30.51
CA GLY A 44 12.23 1.65 -29.86
C GLY A 44 10.82 2.15 -30.12
N GLN A 45 9.86 1.56 -29.43
CA GLN A 45 8.44 1.91 -29.60
C GLN A 45 7.95 2.68 -28.43
N GLY A 46 7.06 3.63 -28.71
CA GLY A 46 6.36 4.42 -27.70
C GLY A 46 4.87 4.17 -27.86
N THR A 47 4.05 4.95 -27.18
CA THR A 47 2.59 4.85 -27.29
C THR A 47 2.15 5.45 -28.61
N ARG A 48 1.72 4.58 -29.55
CA ARG A 48 1.31 4.96 -30.91
C ARG A 48 2.48 5.55 -31.71
N THR A 49 3.73 5.25 -31.33
CA THR A 49 4.89 5.81 -32.03
C THR A 49 6.02 4.82 -32.19
N ASN A 50 6.93 5.19 -33.10
CA ASN A 50 8.21 4.53 -33.28
C ASN A 50 9.24 5.66 -33.20
N VAL A 51 10.29 5.46 -32.40
CA VAL A 51 11.32 6.46 -32.16
C VAL A 51 12.58 6.07 -32.94
N TYR A 52 13.20 7.01 -33.66
CA TYR A 52 14.41 6.76 -34.45
C TYR A 52 15.46 7.79 -34.18
N GLU A 53 16.72 7.43 -34.33
CA GLU A 53 17.77 8.46 -34.34
C GLU A 53 17.59 9.16 -35.68
N GLY A 54 17.87 10.44 -35.73
CA GLY A 54 17.75 11.13 -37.02
C GLY A 54 18.75 12.24 -37.16
N ARG A 55 18.65 13.00 -38.27
CA ARG A 55 19.48 14.16 -38.58
C ARG A 55 18.56 15.26 -39.05
N LEU A 56 18.76 16.45 -38.53
CA LEU A 56 17.98 17.64 -38.91
C LEU A 56 18.91 18.61 -39.63
N ARG A 57 18.46 19.05 -40.84
CA ARG A 57 19.09 19.98 -41.82
C ARG A 57 19.99 19.25 -42.80
N GLU A 84 24.39 19.60 -40.02
CA GLU A 84 23.36 18.63 -39.62
C GLU A 84 23.40 18.37 -38.12
N LEU A 85 22.23 18.37 -37.47
CA LEU A 85 22.13 18.11 -36.04
C LEU A 85 21.55 16.74 -35.77
N ARG A 86 22.13 16.02 -34.81
CA ARG A 86 21.60 14.74 -34.38
C ARG A 86 20.34 15.06 -33.57
N VAL A 87 19.25 14.40 -33.91
CA VAL A 87 17.92 14.57 -33.28
C VAL A 87 17.28 13.18 -33.07
N VAL A 88 16.13 13.16 -32.44
CA VAL A 88 15.29 11.99 -32.32
C VAL A 88 14.04 12.29 -33.14
N LEU A 89 13.58 11.31 -33.93
CA LEU A 89 12.35 11.42 -34.70
C LEU A 89 11.30 10.53 -34.02
N LYS A 90 10.18 11.12 -33.59
CA LYS A 90 9.08 10.37 -33.02
C LYS A 90 8.00 10.28 -34.09
N VAL A 91 7.93 9.13 -34.74
CA VAL A 91 7.03 8.90 -35.86
C VAL A 91 5.71 8.35 -35.37
N LEU A 92 4.64 9.16 -35.51
CA LEU A 92 3.33 8.69 -35.07
C LEU A 92 2.82 7.59 -36.01
N ASP A 93 2.14 6.58 -35.46
CA ASP A 93 1.50 5.53 -36.27
C ASP A 93 0.45 6.16 -37.20
N PRO A 94 -0.01 5.47 -38.29
CA PRO A 94 -1.19 5.98 -39.04
C PRO A 94 -2.29 6.19 -38.02
N SER A 95 -2.86 7.40 -37.96
CA SER A 95 -3.77 7.72 -36.89
C SER A 95 -4.99 8.53 -37.27
N HIS A 96 -6.05 8.44 -36.46
CA HIS A 96 -7.23 9.28 -36.59
C HIS A 96 -6.83 10.71 -36.20
N HIS A 97 -7.68 11.70 -36.53
CA HIS A 97 -7.41 13.10 -36.23
C HIS A 97 -7.28 13.40 -34.75
N ASP A 98 -8.05 12.72 -33.88
CA ASP A 98 -8.00 13.02 -32.44
C ASP A 98 -6.66 12.68 -31.81
N ILE A 99 -6.02 11.63 -32.33
CA ILE A 99 -4.69 11.18 -31.87
C ILE A 99 -3.66 12.17 -32.37
N ALA A 100 -3.76 12.55 -33.66
CA ALA A 100 -2.78 13.50 -34.22
C ALA A 100 -2.91 14.84 -33.50
N LEU A 101 -4.15 15.30 -33.16
CA LEU A 101 -4.33 16.57 -32.41
C LEU A 101 -3.64 16.50 -31.02
N ALA A 102 -3.76 15.36 -30.32
CA ALA A 102 -3.10 15.19 -29.00
C ALA A 102 -1.56 15.21 -29.19
N PHE A 103 -1.07 14.73 -30.34
CA PHE A 103 0.38 14.79 -30.66
C PHE A 103 0.77 16.27 -30.91
N TYR A 104 -0.07 17.03 -31.65
CA TYR A 104 0.18 18.48 -31.87
C TYR A 104 0.14 19.28 -30.56
N GLU A 105 -0.79 18.96 -29.66
CA GLU A 105 -0.88 19.68 -28.38
C GLU A 105 0.43 19.52 -27.57
N THR A 106 1.02 18.33 -27.62
CA THR A 106 2.30 18.04 -26.97
C THR A 106 3.44 18.84 -27.59
N ALA A 107 3.49 18.88 -28.93
CA ALA A 107 4.52 19.65 -29.61
C ALA A 107 4.36 21.15 -29.26
N SER A 108 3.12 21.66 -29.16
CA SER A 108 2.87 23.06 -28.83
C SER A 108 3.27 23.38 -27.39
N LEU A 109 2.93 22.48 -26.47
CA LEU A 109 3.29 22.61 -25.06
C LEU A 109 4.82 22.69 -24.95
N MET A 110 5.53 21.74 -25.56
CA MET A 110 6.98 21.65 -25.45
C MET A 110 7.73 22.76 -26.17
N SER A 111 7.10 23.35 -27.20
CA SER A 111 7.70 24.46 -27.96
C SER A 111 7.60 25.80 -27.21
N GLN A 112 6.69 25.90 -26.23
CA GLN A 112 6.46 27.13 -25.48
C GLN A 112 7.14 27.17 -24.10
N VAL A 113 7.88 26.12 -23.76
CA VAL A 113 8.57 26.04 -22.48
C VAL A 113 10.07 26.03 -22.71
N SER A 114 10.85 26.45 -21.70
CA SER A 114 12.31 26.42 -21.76
C SER A 114 12.83 26.24 -20.36
N HIS A 115 13.54 25.11 -20.12
CA HIS A 115 14.07 24.83 -18.78
C HIS A 115 15.25 23.91 -18.97
N THR A 116 16.24 24.08 -18.13
CA THR A 116 17.47 23.27 -18.26
C THR A 116 17.22 21.76 -18.10
N HIS A 117 16.17 21.37 -17.36
CA HIS A 117 15.83 19.95 -17.16
C HIS A 117 14.62 19.49 -17.99
N LEU A 118 14.32 20.21 -19.09
CA LEU A 118 13.27 19.82 -20.05
C LEU A 118 13.92 19.64 -21.40
N ALA A 119 13.59 18.52 -22.09
CA ALA A 119 14.12 18.29 -23.44
C ALA A 119 13.52 19.29 -24.46
N PHE A 120 14.31 19.64 -25.48
CA PHE A 120 13.90 20.61 -26.51
C PHE A 120 13.11 19.92 -27.63
N VAL A 121 12.13 20.63 -28.22
CA VAL A 121 11.39 20.11 -29.38
C VAL A 121 11.74 21.03 -30.55
N HIS A 122 12.31 20.48 -31.63
CA HIS A 122 12.74 21.27 -32.81
C HIS A 122 11.55 21.63 -33.67
N GLY A 123 10.54 20.76 -33.68
CA GLY A 123 9.34 20.99 -34.46
C GLY A 123 8.65 19.71 -34.89
N VAL A 124 7.71 19.86 -35.85
CA VAL A 124 6.92 18.71 -36.31
C VAL A 124 6.87 18.70 -37.85
N CYS A 125 7.04 17.52 -38.45
CA CYS A 125 6.88 17.34 -39.90
C CYS A 125 5.51 16.74 -40.10
N VAL A 126 4.62 17.47 -40.81
CA VAL A 126 3.23 17.04 -41.06
C VAL A 126 3.01 17.10 -42.58
N ARG A 127 2.79 15.92 -43.18
CA ARG A 127 2.61 15.80 -44.64
C ARG A 127 1.77 14.55 -44.94
N GLY A 128 0.55 14.78 -45.42
CA GLY A 128 -0.39 13.72 -45.75
C GLY A 128 -0.75 12.87 -44.55
N PRO A 129 -0.34 11.57 -44.54
CA PRO A 129 -0.69 10.71 -43.40
C PRO A 129 0.38 10.64 -42.29
N GLU A 130 1.55 11.27 -42.55
CA GLU A 130 2.73 11.27 -41.68
C GLU A 130 2.78 12.42 -40.69
N ASN A 131 3.19 12.10 -39.46
CA ASN A 131 3.37 13.05 -38.36
C ASN A 131 4.64 12.66 -37.65
N ILE A 132 5.67 13.53 -37.71
CA ILE A 132 6.96 13.25 -37.10
C ILE A 132 7.38 14.38 -36.16
N MET A 133 7.47 14.12 -34.85
CA MET A 133 7.95 15.16 -33.95
C MET A 133 9.44 15.03 -33.93
N VAL A 134 10.17 16.17 -34.04
CA VAL A 134 11.65 16.20 -34.09
C VAL A 134 12.09 16.73 -32.75
N THR A 135 12.76 15.89 -31.95
CA THR A 135 13.08 16.24 -30.58
C THR A 135 14.55 16.10 -30.29
N GLU A 136 14.95 16.61 -29.13
CA GLU A 136 16.35 16.61 -28.72
C GLU A 136 16.86 15.17 -28.51
N TYR A 137 18.01 14.86 -29.08
CA TYR A 137 18.72 13.60 -28.80
C TYR A 137 19.58 13.86 -27.56
N VAL A 138 19.35 13.09 -26.47
CA VAL A 138 20.04 13.22 -25.19
C VAL A 138 21.02 12.04 -25.08
N GLU A 139 22.32 12.37 -24.90
CA GLU A 139 23.49 11.47 -24.99
C GLU A 139 23.26 10.03 -24.52
N HIS A 140 22.77 9.83 -23.29
CA HIS A 140 22.72 8.48 -22.71
C HIS A 140 21.32 7.81 -22.67
N GLY A 141 20.32 8.44 -23.26
CA GLY A 141 19.00 7.85 -23.42
C GLY A 141 18.18 7.73 -22.14
N PRO A 142 17.12 6.91 -22.20
CA PRO A 142 16.20 6.77 -21.05
C PRO A 142 16.78 6.25 -19.74
N LEU A 143 16.33 6.88 -18.65
CA LEU A 143 16.79 6.57 -17.30
C LEU A 143 16.44 5.15 -16.87
N ASP A 144 15.20 4.68 -17.15
CA ASP A 144 14.77 3.32 -16.71
C ASP A 144 15.73 2.23 -17.28
N VAL A 145 16.06 2.32 -18.57
CA VAL A 145 16.96 1.39 -19.29
C VAL A 145 18.35 1.42 -18.63
N TRP A 146 18.85 2.63 -18.37
CA TRP A 146 20.17 2.79 -17.78
C TRP A 146 20.22 2.21 -16.35
N LEU A 147 19.22 2.55 -15.53
CA LEU A 147 19.13 2.04 -14.15
C LEU A 147 19.14 0.51 -14.10
N ARG A 148 18.39 -0.15 -15.02
CA ARG A 148 18.37 -1.61 -15.06
C ARG A 148 19.72 -2.20 -15.41
N ARG A 149 20.47 -1.59 -16.35
CA ARG A 149 21.83 -2.02 -16.73
C ARG A 149 22.82 -1.82 -15.54
N GLU A 150 22.66 -0.74 -14.77
CA GLU A 150 23.53 -0.43 -13.62
C GLU A 150 22.98 -0.91 -12.26
N ARG A 151 21.96 -1.77 -12.27
CA ARG A 151 21.30 -2.26 -11.04
C ARG A 151 22.28 -2.75 -9.99
N GLY A 152 22.14 -2.25 -8.77
CA GLY A 152 23.01 -2.61 -7.63
C GLY A 152 24.23 -1.71 -7.48
N HIS A 153 24.50 -0.84 -8.48
CA HIS A 153 25.68 0.03 -8.48
C HIS A 153 25.33 1.51 -8.59
N VAL A 154 24.06 1.89 -8.33
CA VAL A 154 23.65 3.28 -8.40
C VAL A 154 23.52 3.83 -6.96
N PRO A 155 24.39 4.77 -6.52
CA PRO A 155 24.31 5.26 -5.13
C PRO A 155 23.05 6.04 -4.81
N MET A 156 22.70 6.10 -3.52
CA MET A 156 21.54 6.86 -3.03
C MET A 156 21.65 8.35 -3.34
N ALA A 157 22.86 8.94 -3.20
CA ALA A 157 23.10 10.37 -3.43
C ALA A 157 22.85 10.72 -4.89
N TRP A 158 23.17 9.80 -5.81
CA TRP A 158 22.93 9.96 -7.26
C TRP A 158 21.39 10.08 -7.51
N LYS A 159 20.63 9.19 -6.91
CA LYS A 159 19.15 9.16 -7.01
C LYS A 159 18.51 10.42 -6.47
N MET A 160 19.04 10.97 -5.35
CA MET A 160 18.55 12.22 -4.77
C MET A 160 18.73 13.42 -5.71
N VAL A 161 19.87 13.49 -6.42
CA VAL A 161 20.13 14.55 -7.39
C VAL A 161 19.07 14.45 -8.50
N VAL A 162 18.83 13.24 -9.06
CA VAL A 162 17.85 13.06 -10.15
C VAL A 162 16.45 13.51 -9.69
N ALA A 163 16.08 13.13 -8.46
CA ALA A 163 14.79 13.50 -7.87
C ALA A 163 14.60 15.01 -7.81
N GLN A 164 15.64 15.75 -7.39
CA GLN A 164 15.57 17.20 -7.29
C GLN A 164 15.50 17.87 -8.64
N GLN A 165 16.26 17.38 -9.63
CA GLN A 165 16.23 17.93 -10.98
C GLN A 165 14.85 17.73 -11.60
N LEU A 166 14.27 16.57 -11.35
CA LEU A 166 12.94 16.26 -11.89
C LEU A 166 11.90 17.15 -11.22
N ALA A 167 11.99 17.34 -9.86
CA ALA A 167 11.08 18.26 -9.18
C ALA A 167 11.22 19.69 -9.70
N SER A 168 12.45 20.12 -10.05
CA SER A 168 12.65 21.49 -10.58
C SER A 168 11.96 21.67 -11.92
N ALA A 169 12.05 20.67 -12.82
CA ALA A 169 11.36 20.73 -14.12
C ALA A 169 9.83 20.79 -13.90
N LEU A 170 9.33 19.98 -13.00
CA LEU A 170 7.89 19.92 -12.73
C LEU A 170 7.38 21.15 -11.98
N SER A 171 8.23 21.76 -11.16
CA SER A 171 7.86 23.03 -10.46
C SER A 171 7.73 24.17 -11.50
N TYR A 172 8.63 24.19 -12.47
CA TYR A 172 8.58 25.14 -13.58
C TYR A 172 7.25 25.00 -14.36
N LEU A 173 6.87 23.76 -14.71
CA LEU A 173 5.61 23.52 -15.44
C LEU A 173 4.39 23.91 -14.56
N GLU A 174 4.41 23.53 -13.27
CA GLU A 174 3.33 23.86 -12.36
C GLU A 174 3.10 25.37 -12.29
N ASN A 175 4.18 26.16 -12.23
CA ASN A 175 4.09 27.63 -12.17
C ASN A 175 3.46 28.24 -13.42
N LYS A 176 3.55 27.53 -14.57
CA LYS A 176 2.96 27.99 -15.82
C LYS A 176 1.59 27.33 -16.05
N ASN A 177 1.09 26.58 -15.01
CA ASN A 177 -0.17 25.84 -15.03
C ASN A 177 -0.23 24.85 -16.21
N LEU A 178 0.88 24.11 -16.42
CA LEU A 178 1.02 23.14 -17.49
C LEU A 178 1.15 21.73 -16.95
N VAL A 179 0.43 20.80 -17.55
CA VAL A 179 0.39 19.39 -17.15
C VAL A 179 1.21 18.56 -18.17
N HIS A 180 2.02 17.64 -17.67
CA HIS A 180 2.86 16.80 -18.52
C HIS A 180 2.03 15.55 -18.83
N GLY A 181 1.62 14.84 -17.81
CA GLY A 181 0.76 13.66 -17.95
C GLY A 181 1.44 12.36 -18.31
N ASN A 182 2.80 12.37 -18.44
CA ASN A 182 3.48 11.11 -18.78
C ASN A 182 4.84 11.01 -18.07
N VAL A 183 4.86 11.40 -16.77
CA VAL A 183 6.08 11.32 -15.94
C VAL A 183 6.38 9.86 -15.59
N CYS A 184 7.54 9.35 -16.07
CA CYS A 184 8.04 8.00 -15.80
C CYS A 184 9.52 7.96 -16.16
N GLY A 185 10.21 6.91 -15.73
CA GLY A 185 11.65 6.73 -16.04
C GLY A 185 11.99 6.67 -17.51
N ARG A 186 11.09 6.12 -18.34
CA ARG A 186 11.31 6.05 -19.80
C ARG A 186 11.38 7.46 -20.39
N ASN A 187 10.63 8.41 -19.80
CA ASN A 187 10.58 9.80 -20.29
C ASN A 187 11.56 10.72 -19.61
N ILE A 188 12.51 10.17 -18.88
CA ILE A 188 13.56 10.95 -18.24
C ILE A 188 14.83 10.56 -18.98
N LEU A 189 15.54 11.55 -19.53
CA LEU A 189 16.73 11.25 -20.34
C LEU A 189 17.98 11.70 -19.69
N LEU A 190 19.03 10.87 -19.78
CA LEU A 190 20.30 11.16 -19.13
C LEU A 190 21.26 11.90 -20.07
N ALA A 191 21.47 13.20 -19.79
CA ALA A 191 22.42 14.03 -20.54
C ALA A 191 23.85 13.77 -20.04
N ARG A 192 24.01 13.56 -18.70
CA ARG A 192 25.29 13.27 -18.03
C ARG A 192 25.05 12.14 -17.03
N LEU A 193 25.98 11.20 -16.98
CA LEU A 193 25.85 10.03 -16.10
C LEU A 193 26.26 10.27 -14.67
N GLY A 194 27.22 11.15 -14.43
CA GLY A 194 27.67 11.39 -13.06
C GLY A 194 28.32 10.16 -12.46
N LEU A 195 29.17 9.48 -13.24
CA LEU A 195 29.87 8.25 -12.82
C LEU A 195 31.23 8.52 -12.24
N ALA A 196 31.96 9.51 -12.80
CA ALA A 196 33.30 9.87 -12.34
C ALA A 196 33.21 10.47 -10.93
N GLU A 197 34.26 10.26 -10.12
CA GLU A 197 34.31 10.77 -8.75
C GLU A 197 34.09 12.28 -8.75
N GLY A 198 33.24 12.78 -7.85
CA GLY A 198 32.96 14.20 -7.73
C GLY A 198 32.06 14.81 -8.80
N THR A 199 31.40 13.98 -9.64
CA THR A 199 30.47 14.49 -10.66
C THR A 199 29.03 14.08 -10.32
N SER A 200 28.06 14.77 -10.96
CA SER A 200 26.64 14.56 -10.71
C SER A 200 25.89 14.26 -11.99
N PRO A 201 24.81 13.47 -11.93
CA PRO A 201 24.04 13.20 -13.15
C PRO A 201 23.30 14.45 -13.60
N PHE A 202 22.82 14.44 -14.83
CA PHE A 202 22.04 15.57 -15.37
C PHE A 202 20.95 14.97 -16.24
N ILE A 203 19.68 15.20 -15.85
CA ILE A 203 18.56 14.64 -16.57
C ILE A 203 17.76 15.69 -17.34
N LYS A 204 17.02 15.25 -18.34
CA LYS A 204 16.05 16.09 -19.06
C LYS A 204 14.72 15.32 -19.14
N LEU A 205 13.64 15.93 -18.68
CA LEU A 205 12.31 15.34 -18.81
C LEU A 205 11.88 15.51 -20.26
N SER A 206 11.55 14.39 -20.92
CA SER A 206 11.18 14.40 -22.33
CA SER A 206 11.18 14.38 -22.32
C SER A 206 9.72 14.81 -22.55
N ASP A 207 9.32 15.00 -23.83
CA ASP A 207 7.94 15.38 -24.15
C ASP A 207 7.02 14.22 -23.73
N PRO A 208 5.76 14.52 -23.40
CA PRO A 208 4.86 13.43 -22.98
C PRO A 208 4.24 12.58 -24.10
N GLY A 209 4.61 12.80 -25.39
CA GLY A 209 4.04 12.04 -26.51
C GLY A 209 2.53 12.29 -26.68
N VAL A 210 1.76 11.31 -27.15
CA VAL A 210 0.29 11.49 -27.30
C VAL A 210 -0.35 11.74 -25.93
N GLY A 211 -1.08 12.83 -25.80
CA GLY A 211 -1.72 13.21 -24.54
C GLY A 211 -2.64 12.13 -24.00
N LEU A 212 -2.56 11.92 -22.69
CA LEU A 212 -3.32 10.93 -21.95
C LEU A 212 -4.80 10.92 -22.31
N GLY A 213 -5.40 12.11 -22.42
CA GLY A 213 -6.82 12.29 -22.74
C GLY A 213 -7.29 11.61 -24.01
N ALA A 214 -6.37 11.34 -24.97
CA ALA A 214 -6.71 10.70 -26.23
C ALA A 214 -6.56 9.18 -26.27
N LEU A 215 -5.96 8.60 -25.21
CA LEU A 215 -5.71 7.16 -25.18
C LEU A 215 -6.93 6.34 -24.74
N SER A 216 -6.92 5.04 -25.06
CA SER A 216 -7.97 4.10 -24.69
C SER A 216 -7.83 3.73 -23.21
N ARG A 217 -8.88 3.15 -22.60
CA ARG A 217 -8.82 2.70 -21.22
C ARG A 217 -7.73 1.66 -21.04
N GLU A 218 -7.57 0.74 -22.01
CA GLU A 218 -6.53 -0.28 -21.95
C GLU A 218 -5.14 0.33 -21.90
N GLU A 219 -4.90 1.41 -22.67
CA GLU A 219 -3.59 2.07 -22.69
C GLU A 219 -3.35 2.80 -21.35
N ARG A 220 -4.40 3.37 -20.75
CA ARG A 220 -4.30 4.04 -19.43
C ARG A 220 -3.95 3.00 -18.35
N VAL A 221 -4.58 1.81 -18.41
CA VAL A 221 -4.30 0.71 -17.46
C VAL A 221 -2.84 0.26 -17.59
N GLU A 222 -2.33 0.19 -18.83
CA GLU A 222 -0.93 -0.14 -19.09
C GLU A 222 0.02 0.89 -18.43
N ARG A 223 -0.44 2.15 -18.22
CA ARG A 223 0.38 3.20 -17.58
C ARG A 223 0.40 3.11 -16.03
N ILE A 224 -0.40 2.22 -15.41
CA ILE A 224 -0.32 1.97 -13.97
C ILE A 224 1.09 1.33 -13.64
N PRO A 225 1.86 1.81 -12.65
CA PRO A 225 1.52 2.74 -11.54
C PRO A 225 1.82 4.23 -11.74
N TRP A 226 2.32 4.62 -12.92
CA TRP A 226 2.60 6.06 -13.15
C TRP A 226 1.32 6.83 -13.32
N LEU A 227 0.27 6.21 -13.87
CA LEU A 227 -1.04 6.82 -14.09
C LEU A 227 -1.69 7.25 -12.76
N ALA A 228 -2.14 8.53 -12.63
CA ALA A 228 -2.82 8.96 -11.40
C ALA A 228 -4.20 8.24 -11.36
N PRO A 229 -4.67 7.79 -10.18
CA PRO A 229 -5.91 7.01 -10.11
C PRO A 229 -7.15 7.69 -10.65
N GLU A 230 -7.21 9.04 -10.52
CA GLU A 230 -8.34 9.84 -11.01
C GLU A 230 -8.44 9.84 -12.54
N CYS A 231 -7.33 9.48 -13.24
CA CYS A 231 -7.27 9.47 -14.69
C CYS A 231 -7.72 8.15 -15.25
N LEU A 232 -7.97 7.15 -14.38
CA LEU A 232 -8.38 5.82 -14.85
C LEU A 232 -9.79 5.85 -15.48
N PRO A 233 -10.85 6.38 -14.81
CA PRO A 233 -12.17 6.39 -15.47
C PRO A 233 -12.31 7.36 -16.64
N SER A 240 -6.06 16.93 -15.07
CA SER A 240 -5.81 17.02 -13.63
C SER A 240 -4.52 17.78 -13.37
N THR A 241 -4.63 18.91 -12.66
CA THR A 241 -3.45 19.71 -12.30
C THR A 241 -2.56 19.01 -11.23
N ALA A 242 -3.03 17.89 -10.67
CA ALA A 242 -2.41 17.07 -9.62
C ALA A 242 -1.92 15.71 -10.12
N MET A 243 -2.25 15.33 -11.36
CA MET A 243 -1.82 14.00 -11.87
C MET A 243 -0.31 13.81 -11.89
N ASP A 244 0.45 14.88 -12.19
CA ASP A 244 1.92 14.78 -12.24
C ASP A 244 2.56 14.55 -10.89
N LYS A 245 1.87 14.91 -9.79
CA LYS A 245 2.42 14.61 -8.45
C LYS A 245 2.44 13.10 -8.22
N TRP A 246 1.37 12.40 -8.65
CA TRP A 246 1.33 10.95 -8.53
C TRP A 246 2.42 10.31 -9.45
N GLY A 247 2.50 10.75 -10.71
CA GLY A 247 3.49 10.28 -11.68
C GLY A 247 4.91 10.44 -11.17
N PHE A 248 5.21 11.59 -10.54
CA PHE A 248 6.49 11.89 -9.90
C PHE A 248 6.75 10.91 -8.77
N GLY A 249 5.76 10.71 -7.88
CA GLY A 249 5.91 9.74 -6.79
C GLY A 249 6.22 8.32 -7.27
N ALA A 250 5.47 7.83 -8.28
CA ALA A 250 5.72 6.48 -8.84
C ALA A 250 7.10 6.41 -9.51
N THR A 251 7.54 7.51 -10.15
CA THR A 251 8.87 7.57 -10.76
C THR A 251 9.95 7.51 -9.68
N LEU A 252 9.73 8.17 -8.52
CA LEU A 252 10.71 8.07 -7.43
C LEU A 252 10.83 6.62 -6.98
N LEU A 253 9.70 5.87 -6.91
CA LEU A 253 9.80 4.46 -6.55
C LEU A 253 10.57 3.68 -7.62
N GLU A 254 10.28 3.96 -8.88
CA GLU A 254 10.95 3.30 -10.01
C GLU A 254 12.48 3.54 -9.92
N ILE A 255 12.90 4.78 -9.61
CA ILE A 255 14.32 5.14 -9.47
C ILE A 255 14.93 4.41 -8.26
N CYS A 256 14.24 4.47 -7.10
CA CYS A 256 14.75 3.79 -5.91
C CYS A 256 14.99 2.32 -6.14
N PHE A 257 14.08 1.66 -6.87
CA PHE A 257 14.19 0.23 -7.17
C PHE A 257 14.98 -0.07 -8.47
N ASP A 258 15.95 0.82 -8.83
CA ASP A 258 16.81 0.62 -9.98
C ASP A 258 16.09 0.28 -11.27
N GLY A 259 15.03 1.01 -11.56
CA GLY A 259 14.28 0.87 -12.81
C GLY A 259 13.23 -0.21 -12.82
N GLU A 260 12.91 -0.80 -11.65
CA GLU A 260 11.88 -1.83 -11.54
C GLU A 260 10.70 -1.21 -10.79
N ALA A 261 9.73 -0.67 -11.51
CA ALA A 261 8.60 -0.02 -10.83
C ALA A 261 7.64 -1.07 -10.23
N PRO A 262 7.06 -0.80 -9.04
CA PRO A 262 6.09 -1.76 -8.49
C PRO A 262 4.90 -1.93 -9.45
N LEU A 263 4.25 -3.12 -9.47
CA LEU A 263 3.07 -3.41 -10.32
C LEU A 263 3.31 -3.53 -11.81
N GLN A 264 4.41 -2.92 -12.32
CA GLN A 264 4.77 -2.89 -13.76
C GLN A 264 4.62 -4.24 -14.51
N SER A 265 4.70 -5.37 -13.78
CA SER A 265 4.58 -6.72 -14.34
C SER A 265 3.17 -7.34 -14.24
N ARG A 266 2.34 -6.85 -13.28
CA ARG A 266 0.97 -7.35 -13.04
C ARG A 266 0.06 -7.25 -14.27
N SER A 267 -0.97 -8.11 -14.32
CA SER A 267 -1.94 -8.13 -15.42
C SER A 267 -2.84 -6.88 -15.34
N PRO A 268 -3.54 -6.51 -16.44
CA PRO A 268 -4.42 -5.34 -16.40
C PRO A 268 -5.48 -5.37 -15.30
N SER A 269 -6.16 -6.53 -15.12
CA SER A 269 -7.19 -6.70 -14.11
C SER A 269 -6.62 -6.59 -12.69
N GLU A 270 -5.38 -7.09 -12.45
CA GLU A 270 -4.70 -7.00 -11.16
C GLU A 270 -4.37 -5.53 -10.85
N LYS A 271 -3.89 -4.77 -11.86
CA LYS A 271 -3.57 -3.34 -11.74
C LYS A 271 -4.84 -2.53 -11.44
N GLU A 272 -5.94 -2.83 -12.15
CA GLU A 272 -7.21 -2.11 -11.92
C GLU A 272 -7.78 -2.39 -10.55
N HIS A 273 -7.64 -3.64 -10.06
CA HIS A 273 -8.14 -3.98 -8.72
C HIS A 273 -7.34 -3.23 -7.64
N PHE A 274 -6.00 -3.14 -7.80
CA PHE A 274 -5.15 -2.42 -6.88
C PHE A 274 -5.68 -1.01 -6.72
N TYR A 275 -5.96 -0.30 -7.84
CA TYR A 275 -6.50 1.07 -7.77
C TYR A 275 -7.93 1.09 -7.22
N GLN A 276 -8.78 0.18 -7.66
CA GLN A 276 -10.21 0.13 -7.23
C GLN A 276 -10.35 -0.01 -5.70
N ARG A 277 -9.46 -0.80 -5.10
CA ARG A 277 -9.42 -1.02 -3.66
C ARG A 277 -8.61 0.00 -2.91
N GLN A 278 -7.92 0.87 -3.66
CA GLN A 278 -7.06 1.91 -3.11
C GLN A 278 -5.94 1.32 -2.23
N HIS A 279 -5.36 0.22 -2.71
CA HIS A 279 -4.17 -0.35 -2.08
C HIS A 279 -3.04 0.66 -2.33
N ARG A 280 -2.03 0.69 -1.47
CA ARG A 280 -0.99 1.70 -1.61
C ARG A 280 0.32 1.09 -2.03
N LEU A 281 1.07 1.84 -2.84
CA LEU A 281 2.36 1.39 -3.32
C LEU A 281 3.37 1.25 -2.17
N PRO A 282 4.41 0.42 -2.36
CA PRO A 282 5.41 0.23 -1.28
C PRO A 282 6.20 1.49 -0.95
N GLU A 283 6.80 1.51 0.25
CA GLU A 283 7.67 2.59 0.67
C GLU A 283 8.96 2.46 -0.16
N PRO A 284 9.59 3.58 -0.56
CA PRO A 284 10.82 3.45 -1.37
C PRO A 284 11.99 2.92 -0.54
N SER A 285 13.01 2.37 -1.24
CA SER A 285 14.23 1.87 -0.63
C SER A 285 15.16 3.05 -0.18
N CYS A 286 14.87 4.29 -0.66
CA CYS A 286 15.59 5.51 -0.25
C CYS A 286 14.82 6.01 0.99
N PRO A 287 15.36 5.92 2.23
CA PRO A 287 14.59 6.34 3.40
C PRO A 287 14.23 7.82 3.44
N GLN A 288 15.08 8.66 2.84
CA GLN A 288 14.83 10.10 2.79
C GLN A 288 13.65 10.48 1.89
N LEU A 289 13.19 9.54 1.03
CA LEU A 289 12.07 9.80 0.12
C LEU A 289 10.72 9.21 0.60
N ALA A 290 10.70 8.39 1.70
CA ALA A 290 9.48 7.74 2.19
C ALA A 290 8.30 8.68 2.47
N THR A 291 8.52 9.78 3.20
CA THR A 291 7.44 10.73 3.52
C THR A 291 6.92 11.35 2.23
N LEU A 292 7.82 11.87 1.41
CA LEU A 292 7.48 12.54 0.16
C LEU A 292 6.70 11.63 -0.80
N THR A 293 7.15 10.38 -1.00
CA THR A 293 6.46 9.45 -1.92
C THR A 293 5.09 9.11 -1.41
N SER A 294 4.95 8.89 -0.10
CA SER A 294 3.65 8.62 0.52
C SER A 294 2.68 9.78 0.29
N GLN A 295 3.16 11.03 0.39
CA GLN A 295 2.34 12.24 0.18
C GLN A 295 1.92 12.40 -1.28
N CYS A 296 2.82 12.09 -2.22
CA CYS A 296 2.49 12.19 -3.65
C CYS A 296 1.53 11.09 -4.06
N LEU A 297 1.70 9.89 -3.49
CA LEU A 297 0.93 8.71 -3.87
C LEU A 297 -0.32 8.53 -3.00
N THR A 298 -1.08 9.61 -2.88
CA THR A 298 -2.36 9.64 -2.14
C THR A 298 -3.45 9.67 -3.19
N TYR A 299 -4.48 8.88 -2.98
CA TYR A 299 -5.58 8.77 -3.91
C TYR A 299 -6.34 10.07 -4.06
N GLU A 300 -6.53 10.82 -2.95
CA GLU A 300 -7.23 12.11 -3.02
C GLU A 300 -6.30 13.17 -3.69
N PRO A 301 -6.60 13.64 -4.93
CA PRO A 301 -5.66 14.57 -5.61
C PRO A 301 -5.35 15.85 -4.85
N THR A 302 -6.34 16.43 -4.12
CA THR A 302 -6.18 17.66 -3.36
C THR A 302 -5.26 17.50 -2.17
N GLN A 303 -4.95 16.26 -1.73
CA GLN A 303 -4.04 16.05 -0.62
C GLN A 303 -2.57 16.01 -1.05
N ARG A 304 -2.31 15.97 -2.37
CA ARG A 304 -0.91 15.90 -2.85
C ARG A 304 -0.25 17.27 -2.72
N PRO A 305 1.03 17.35 -2.29
CA PRO A 305 1.66 18.68 -2.15
C PRO A 305 1.96 19.29 -3.51
N SER A 306 2.15 20.60 -3.56
CA SER A 306 2.51 21.28 -4.80
C SER A 306 3.96 20.95 -5.10
N PHE A 307 4.40 21.19 -6.36
CA PHE A 307 5.80 20.97 -6.69
C PHE A 307 6.67 22.02 -6.01
N ARG A 308 6.08 23.19 -5.66
CA ARG A 308 6.84 24.20 -4.91
C ARG A 308 7.22 23.61 -3.57
N THR A 309 6.26 22.92 -2.91
CA THR A 309 6.50 22.24 -1.62
C THR A 309 7.46 21.06 -1.78
N ILE A 310 7.24 20.22 -2.81
CA ILE A 310 8.09 19.05 -3.06
C ILE A 310 9.53 19.48 -3.26
N LEU A 311 9.76 20.47 -4.16
CA LEU A 311 11.11 20.96 -4.40
C LEU A 311 11.73 21.53 -3.09
N ARG A 312 10.96 22.30 -2.28
CA ARG A 312 11.47 22.85 -1.00
C ARG A 312 11.80 21.70 -0.02
N ASP A 313 10.86 20.73 0.10
CA ASP A 313 11.03 19.57 0.97
C ASP A 313 12.28 18.77 0.58
N LEU A 314 12.58 18.69 -0.72
CA LEU A 314 13.80 17.98 -1.15
C LEU A 314 15.04 18.76 -0.75
N THR A 315 15.06 20.11 -0.96
CA THR A 315 16.22 20.96 -0.60
C THR A 315 16.42 20.98 0.92
N ARG A 316 15.34 20.77 1.71
CA ARG A 316 15.42 20.78 3.18
C ARG A 316 15.98 19.48 3.79
N LEU A 317 16.10 18.41 2.99
CA LEU A 317 16.68 17.15 3.48
C LEU A 317 18.19 17.29 3.62
N SER B 28 0.67 -22.25 34.14
CA SER B 28 -0.23 -22.20 35.29
C SER B 28 -1.65 -21.77 34.93
N PHE B 29 -2.61 -22.64 35.23
CA PHE B 29 -4.04 -22.36 35.00
C PHE B 29 -4.86 -23.33 35.81
N HIS B 30 -6.16 -23.01 35.99
CA HIS B 30 -7.09 -23.86 36.74
C HIS B 30 -7.47 -25.08 35.91
N ARG B 31 -7.48 -26.27 36.52
CA ARG B 31 -7.90 -27.49 35.84
C ARG B 31 -9.38 -27.67 36.09
N VAL B 32 -10.14 -27.85 35.04
CA VAL B 32 -11.61 -28.04 35.12
C VAL B 32 -11.86 -29.51 34.90
N ASP B 33 -12.67 -30.15 35.75
CA ASP B 33 -13.00 -31.56 35.60
C ASP B 33 -14.12 -31.65 34.54
N GLN B 34 -14.11 -32.69 33.69
CA GLN B 34 -15.13 -32.86 32.65
C GLN B 34 -16.56 -32.87 33.20
N LYS B 35 -16.75 -33.36 34.44
CA LYS B 35 -18.06 -33.37 35.13
C LYS B 35 -18.60 -31.95 35.41
N GLU B 36 -17.72 -30.92 35.41
CA GLU B 36 -18.11 -29.56 35.75
C GLU B 36 -18.63 -28.81 34.53
N ILE B 37 -18.43 -29.33 33.33
CA ILE B 37 -18.85 -28.63 32.11
C ILE B 37 -19.90 -29.39 31.31
N THR B 38 -20.83 -28.62 30.71
CA THR B 38 -21.85 -29.17 29.81
C THR B 38 -21.64 -28.49 28.48
N GLN B 39 -21.51 -29.25 27.40
CA GLN B 39 -21.35 -28.67 26.08
C GLN B 39 -22.72 -28.46 25.45
N LEU B 40 -22.96 -27.22 24.96
CA LEU B 40 -24.21 -26.87 24.30
C LEU B 40 -23.96 -26.68 22.80
N SER B 41 -24.62 -25.71 22.14
CA SER B 41 -24.48 -25.53 20.68
C SER B 41 -23.11 -25.16 20.16
N HIS B 42 -22.75 -25.71 19.00
CA HIS B 42 -21.56 -25.35 18.25
C HIS B 42 -21.75 -23.90 17.74
N LEU B 43 -20.75 -23.02 17.97
CA LEU B 43 -20.72 -21.60 17.55
C LEU B 43 -19.97 -21.44 16.23
N GLY B 44 -18.94 -22.25 16.04
CA GLY B 44 -18.14 -22.19 14.84
C GLY B 44 -16.78 -22.82 15.03
N GLN B 45 -15.91 -22.57 14.08
CA GLN B 45 -14.57 -23.13 14.07
C GLN B 45 -13.55 -22.03 14.25
N GLY B 46 -12.45 -22.39 14.88
CA GLY B 46 -11.28 -21.56 15.06
C GLY B 46 -10.09 -22.30 14.49
N THR B 47 -8.88 -21.79 14.73
CA THR B 47 -7.65 -22.43 14.26
C THR B 47 -7.37 -23.66 15.11
N ARG B 48 -7.55 -24.84 14.51
CA ARG B 48 -7.40 -26.16 15.18
C ARG B 48 -8.43 -26.34 16.31
N THR B 49 -9.55 -25.60 16.27
CA THR B 49 -10.56 -25.70 17.32
C THR B 49 -11.99 -25.69 16.80
N ASN B 50 -12.89 -26.11 17.68
CA ASN B 50 -14.33 -25.99 17.52
C ASN B 50 -14.81 -25.27 18.75
N VAL B 51 -15.62 -24.24 18.53
CA VAL B 51 -16.09 -23.39 19.62
C VAL B 51 -17.54 -23.72 19.93
N TYR B 52 -17.89 -23.92 21.21
CA TYR B 52 -19.25 -24.26 21.64
C TYR B 52 -19.69 -23.38 22.76
N GLU B 53 -21.00 -23.24 22.93
CA GLU B 53 -21.56 -22.59 24.11
C GLU B 53 -21.52 -23.69 25.14
N GLY B 54 -21.55 -23.33 26.40
CA GLY B 54 -21.60 -24.35 27.43
C GLY B 54 -21.98 -23.75 28.76
N ARG B 55 -22.07 -24.62 29.79
CA ARG B 55 -22.37 -24.17 31.16
C ARG B 55 -21.26 -24.72 32.04
N LEU B 56 -20.84 -23.96 33.05
CA LEU B 56 -19.80 -24.35 34.01
C LEU B 56 -20.44 -24.34 35.40
N ARG B 57 -20.40 -25.48 36.10
CA ARG B 57 -20.95 -25.61 37.46
C ARG B 57 -20.15 -24.79 38.47
N GLU B 84 -24.54 -21.90 38.28
CA GLU B 84 -24.05 -22.24 36.94
C GLU B 84 -23.71 -20.98 36.13
N LEU B 85 -22.65 -21.05 35.33
CA LEU B 85 -22.27 -19.91 34.52
C LEU B 85 -22.29 -20.28 33.07
N ARG B 86 -22.83 -19.40 32.21
CA ARG B 86 -22.73 -19.60 30.77
C ARG B 86 -21.23 -19.32 30.42
N VAL B 87 -20.62 -20.22 29.65
CA VAL B 87 -19.21 -20.14 29.22
C VAL B 87 -19.08 -20.50 27.73
N VAL B 88 -17.89 -20.34 27.18
CA VAL B 88 -17.55 -20.77 25.83
C VAL B 88 -16.50 -21.86 26.02
N LEU B 89 -16.63 -22.95 25.24
CA LEU B 89 -15.73 -24.08 25.33
C LEU B 89 -14.98 -24.14 24.03
N LYS B 90 -13.65 -23.96 24.09
CA LYS B 90 -12.82 -24.03 22.90
C LYS B 90 -12.18 -25.40 22.89
N VAL B 91 -12.72 -26.29 22.06
CA VAL B 91 -12.31 -27.67 21.98
C VAL B 91 -11.21 -27.84 20.97
N LEU B 92 -10.01 -28.20 21.43
CA LEU B 92 -8.92 -28.39 20.49
C LEU B 92 -9.13 -29.67 19.66
N ASP B 93 -8.76 -29.63 18.38
CA ASP B 93 -8.80 -30.81 17.51
C ASP B 93 -7.87 -31.92 18.09
N PRO B 94 -8.01 -33.21 17.66
CA PRO B 94 -6.99 -34.23 18.01
C PRO B 94 -5.65 -33.67 17.55
N SER B 95 -4.69 -33.54 18.46
CA SER B 95 -3.46 -32.82 18.15
C SER B 95 -2.19 -33.46 18.66
N HIS B 96 -1.06 -33.11 18.03
CA HIS B 96 0.27 -33.48 18.52
C HIS B 96 0.55 -32.66 19.78
N HIS B 97 1.57 -33.06 20.57
CA HIS B 97 1.90 -32.38 21.81
C HIS B 97 2.33 -30.93 21.63
N ASP B 98 3.00 -30.58 20.52
CA ASP B 98 3.49 -29.21 20.32
C ASP B 98 2.32 -28.19 20.15
N ILE B 99 1.24 -28.64 19.54
CA ILE B 99 0.00 -27.86 19.36
C ILE B 99 -0.69 -27.72 20.70
N ALA B 100 -0.83 -28.85 21.45
CA ALA B 100 -1.48 -28.78 22.77
C ALA B 100 -0.67 -27.88 23.71
N LEU B 101 0.70 -27.94 23.65
CA LEU B 101 1.53 -27.04 24.50
C LEU B 101 1.26 -25.55 24.17
N ALA B 102 1.15 -25.19 22.87
CA ALA B 102 0.83 -23.81 22.46
C ALA B 102 -0.56 -23.41 22.97
N PHE B 103 -1.49 -24.37 23.06
CA PHE B 103 -2.84 -24.13 23.63
C PHE B 103 -2.70 -23.88 25.15
N TYR B 104 -1.85 -24.69 25.84
CA TYR B 104 -1.60 -24.48 27.30
C TYR B 104 -0.94 -23.14 27.57
N GLU B 105 0.01 -22.72 26.72
CA GLU B 105 0.70 -21.44 26.91
C GLU B 105 -0.31 -20.28 26.86
N THR B 106 -1.29 -20.38 25.97
CA THR B 106 -2.37 -19.38 25.85
C THR B 106 -3.23 -19.35 27.09
N ALA B 107 -3.63 -20.54 27.58
CA ALA B 107 -4.44 -20.60 28.81
C ALA B 107 -3.63 -20.01 29.99
N SER B 108 -2.30 -20.26 30.05
CA SER B 108 -1.46 -19.76 31.14
C SER B 108 -1.31 -18.25 31.06
N LEU B 109 -1.09 -17.73 29.86
CA LEU B 109 -0.98 -16.30 29.61
C LEU B 109 -2.28 -15.60 30.08
N MET B 110 -3.44 -16.11 29.63
CA MET B 110 -4.73 -15.50 29.93
C MET B 110 -5.15 -15.64 31.39
N SER B 111 -4.65 -16.69 32.07
CA SER B 111 -4.96 -16.90 33.49
C SER B 111 -4.14 -15.98 34.41
N GLN B 112 -3.04 -15.39 33.92
CA GLN B 112 -2.15 -14.54 34.72
C GLN B 112 -2.36 -13.05 34.50
N VAL B 113 -3.29 -12.67 33.63
CA VAL B 113 -3.61 -11.27 33.37
C VAL B 113 -5.00 -10.96 33.88
N SER B 114 -5.28 -9.67 34.18
CA SER B 114 -6.60 -9.25 34.59
C SER B 114 -6.80 -7.82 34.14
N HIS B 115 -7.78 -7.60 33.26
CA HIS B 115 -8.05 -6.27 32.72
C HIS B 115 -9.49 -6.25 32.32
N THR B 116 -10.14 -5.11 32.51
CA THR B 116 -11.57 -4.99 32.19
C THR B 116 -11.88 -5.25 30.69
N HIS B 117 -10.90 -5.04 29.79
CA HIS B 117 -11.10 -5.26 28.36
C HIS B 117 -10.40 -6.53 27.84
N LEU B 118 -10.09 -7.47 28.75
CA LEU B 118 -9.55 -8.78 28.40
C LEU B 118 -10.54 -9.82 28.87
N ALA B 119 -10.85 -10.81 28.01
CA ALA B 119 -11.78 -11.87 28.38
C ALA B 119 -11.15 -12.79 29.43
N PHE B 120 -11.97 -13.30 30.34
CA PHE B 120 -11.55 -14.18 31.43
C PHE B 120 -11.43 -15.63 30.94
N VAL B 121 -10.43 -16.36 31.49
CA VAL B 121 -10.28 -17.79 31.19
C VAL B 121 -10.57 -18.51 32.51
N HIS B 122 -11.57 -19.40 32.53
CA HIS B 122 -11.99 -20.11 33.75
C HIS B 122 -11.02 -21.26 34.03
N GLY B 123 -10.46 -21.83 32.97
CA GLY B 123 -9.52 -22.92 33.08
C GLY B 123 -9.50 -23.81 31.88
N VAL B 124 -8.87 -25.00 32.05
CA VAL B 124 -8.74 -25.95 30.95
C VAL B 124 -9.13 -27.35 31.45
N CYS B 125 -9.87 -28.09 30.63
CA CYS B 125 -10.20 -29.49 30.91
C CYS B 125 -9.27 -30.32 30.04
N VAL B 126 -8.40 -31.14 30.68
CA VAL B 126 -7.40 -31.96 29.99
C VAL B 126 -7.61 -33.41 30.47
N ARG B 127 -8.03 -34.29 29.56
CA ARG B 127 -8.33 -35.69 29.88
C ARG B 127 -8.16 -36.54 28.63
N GLY B 128 -7.15 -37.42 28.66
CA GLY B 128 -6.82 -38.30 27.55
C GLY B 128 -6.48 -37.53 26.27
N PRO B 129 -7.33 -37.64 25.21
CA PRO B 129 -7.02 -36.93 23.95
C PRO B 129 -7.66 -35.54 23.83
N GLU B 130 -8.53 -35.19 24.79
CA GLU B 130 -9.30 -33.96 24.85
C GLU B 130 -8.62 -32.81 25.58
N ASN B 131 -8.74 -31.61 25.00
CA ASN B 131 -8.24 -30.36 25.55
C ASN B 131 -9.30 -29.32 25.32
N ILE B 132 -9.92 -28.81 26.40
CA ILE B 132 -11.00 -27.83 26.29
C ILE B 132 -10.68 -26.59 27.12
N MET B 133 -10.48 -25.43 26.49
CA MET B 133 -10.28 -24.20 27.25
C MET B 133 -11.66 -23.61 27.53
N VAL B 134 -11.93 -23.27 28.82
CA VAL B 134 -13.25 -22.76 29.28
C VAL B 134 -13.09 -21.28 29.44
N THR B 135 -13.77 -20.52 28.58
CA THR B 135 -13.58 -19.07 28.54
C THR B 135 -14.85 -18.31 28.75
N GLU B 136 -14.69 -17.00 28.94
CA GLU B 136 -15.82 -16.11 29.19
C GLU B 136 -16.81 -16.05 28.02
N TYR B 137 -18.10 -16.22 28.33
CA TYR B 137 -19.21 -16.04 27.39
C TYR B 137 -19.61 -14.58 27.44
N VAL B 138 -19.68 -13.94 26.29
CA VAL B 138 -20.06 -12.53 26.22
C VAL B 138 -21.36 -12.49 25.42
N GLU B 139 -22.22 -11.57 25.79
CA GLU B 139 -23.56 -11.45 25.23
C GLU B 139 -23.68 -11.39 23.71
N HIS B 140 -22.91 -10.51 23.04
CA HIS B 140 -23.13 -10.30 21.60
C HIS B 140 -22.13 -10.95 20.64
N GLY B 141 -21.20 -11.72 21.18
CA GLY B 141 -20.27 -12.46 20.33
C GLY B 141 -19.20 -11.67 19.63
N PRO B 142 -18.53 -12.31 18.61
CA PRO B 142 -17.43 -11.63 17.89
C PRO B 142 -17.83 -10.38 17.13
N LEU B 143 -16.94 -9.39 17.16
CA LEU B 143 -17.14 -8.10 16.53
C LEU B 143 -17.26 -8.16 15.02
N ASP B 144 -16.39 -8.93 14.35
CA ASP B 144 -16.41 -9.02 12.87
C ASP B 144 -17.78 -9.46 12.33
N VAL B 145 -18.34 -10.52 12.93
CA VAL B 145 -19.68 -11.07 12.57
C VAL B 145 -20.76 -10.01 12.77
N TRP B 146 -20.72 -9.33 13.93
CA TRP B 146 -21.69 -8.30 14.26
C TRP B 146 -21.61 -7.13 13.28
N LEU B 147 -20.39 -6.62 13.03
CA LEU B 147 -20.17 -5.50 12.10
C LEU B 147 -20.74 -5.80 10.71
N ARG B 148 -20.54 -7.04 10.20
CA ARG B 148 -21.05 -7.42 8.89
C ARG B 148 -22.58 -7.40 8.84
N ARG B 149 -23.24 -7.89 9.92
CA ARG B 149 -24.70 -7.87 10.06
C ARG B 149 -25.24 -6.42 10.13
N GLU B 150 -24.52 -5.52 10.82
CA GLU B 150 -24.91 -4.10 11.00
C GLU B 150 -24.28 -3.14 9.99
N ARG B 151 -23.68 -3.67 8.89
CA ARG B 151 -23.00 -2.85 7.88
C ARG B 151 -23.84 -1.65 7.42
N GLY B 152 -23.23 -0.47 7.45
CA GLY B 152 -23.85 0.79 7.06
C GLY B 152 -24.60 1.52 8.16
N HIS B 153 -24.77 0.86 9.33
CA HIS B 153 -25.51 1.43 10.47
C HIS B 153 -24.66 1.58 11.72
N VAL B 154 -23.32 1.56 11.58
CA VAL B 154 -22.44 1.70 12.73
C VAL B 154 -21.76 3.06 12.70
N PRO B 155 -22.05 3.93 13.68
CA PRO B 155 -21.45 5.28 13.67
C PRO B 155 -19.95 5.28 13.89
N MET B 156 -19.28 6.35 13.40
CA MET B 156 -17.85 6.57 13.58
C MET B 156 -17.43 6.67 15.05
N ALA B 157 -18.25 7.35 15.88
CA ALA B 157 -17.96 7.50 17.31
C ALA B 157 -17.96 6.17 18.02
N TRP B 158 -18.84 5.23 17.61
CA TRP B 158 -18.91 3.88 18.17
C TRP B 158 -17.58 3.13 17.90
N LYS B 159 -17.07 3.23 16.67
CA LYS B 159 -15.80 2.61 16.24
C LYS B 159 -14.61 3.16 17.01
N MET B 160 -14.60 4.48 17.30
CA MET B 160 -13.53 5.12 18.07
C MET B 160 -13.48 4.59 19.50
N VAL B 161 -14.63 4.35 20.13
CA VAL B 161 -14.72 3.81 21.50
C VAL B 161 -14.08 2.40 21.48
N VAL B 162 -14.46 1.53 20.50
CA VAL B 162 -13.92 0.17 20.41
C VAL B 162 -12.39 0.21 20.26
N ALA B 163 -11.89 1.11 19.41
CA ALA B 163 -10.47 1.31 19.14
C ALA B 163 -9.72 1.65 20.44
N GLN B 164 -10.27 2.56 21.26
CA GLN B 164 -9.64 2.97 22.53
C GLN B 164 -9.65 1.86 23.55
N GLN B 165 -10.73 1.07 23.63
CA GLN B 165 -10.81 -0.02 24.59
C GLN B 165 -9.81 -1.10 24.21
N LEU B 166 -9.68 -1.35 22.90
CA LEU B 166 -8.73 -2.34 22.43
C LEU B 166 -7.30 -1.86 22.70
N ALA B 167 -7.00 -0.56 22.47
CA ALA B 167 -5.67 -0.01 22.77
C ALA B 167 -5.37 -0.09 24.28
N SER B 168 -6.39 0.09 25.14
CA SER B 168 -6.17 -0.01 26.61
C SER B 168 -5.80 -1.41 27.02
N ALA B 169 -6.45 -2.45 26.45
CA ALA B 169 -6.13 -3.86 26.72
C ALA B 169 -4.69 -4.15 26.26
N LEU B 170 -4.33 -3.69 25.06
CA LEU B 170 -3.01 -3.92 24.49
C LEU B 170 -1.91 -3.13 25.21
N SER B 171 -2.24 -1.95 25.75
CA SER B 171 -1.28 -1.14 26.52
C SER B 171 -0.96 -1.88 27.83
N TYR B 172 -1.98 -2.49 28.43
CA TYR B 172 -1.82 -3.29 29.65
C TYR B 172 -0.87 -4.48 29.38
N LEU B 173 -1.08 -5.20 28.26
CA LEU B 173 -0.20 -6.33 27.90
C LEU B 173 1.24 -5.85 27.61
N GLU B 174 1.38 -4.75 26.86
CA GLU B 174 2.69 -4.17 26.53
C GLU B 174 3.48 -3.85 27.82
N ASN B 175 2.82 -3.26 28.82
CA ASN B 175 3.46 -2.92 30.10
C ASN B 175 3.95 -4.15 30.88
N LYS B 176 3.34 -5.32 30.65
CA LYS B 176 3.74 -6.57 31.28
C LYS B 176 4.66 -7.37 30.36
N ASN B 177 5.06 -6.78 29.21
CA ASN B 177 5.91 -7.39 28.18
C ASN B 177 5.29 -8.72 27.67
N LEU B 178 3.98 -8.71 27.42
CA LEU B 178 3.23 -9.89 26.96
C LEU B 178 2.72 -9.69 25.56
N VAL B 179 2.82 -10.73 24.74
CA VAL B 179 2.37 -10.70 23.36
C VAL B 179 1.08 -11.50 23.20
N HIS B 180 0.10 -10.98 22.44
CA HIS B 180 -1.16 -11.65 22.22
C HIS B 180 -0.98 -12.49 20.96
N GLY B 181 -0.61 -11.86 19.85
CA GLY B 181 -0.32 -12.56 18.61
C GLY B 181 -1.50 -12.93 17.74
N ASN B 182 -2.75 -12.57 18.17
CA ASN B 182 -3.91 -12.92 17.34
C ASN B 182 -4.99 -11.83 17.42
N VAL B 183 -4.54 -10.56 17.33
CA VAL B 183 -5.45 -9.40 17.35
C VAL B 183 -6.21 -9.30 16.01
N CYS B 184 -7.56 -9.45 16.06
CA CYS B 184 -8.46 -9.35 14.89
C CYS B 184 -9.88 -9.18 15.42
N GLY B 185 -10.79 -8.81 14.53
CA GLY B 185 -12.20 -8.66 14.86
C GLY B 185 -12.87 -9.90 15.40
N ARG B 186 -12.48 -11.11 14.94
CA ARG B 186 -13.05 -12.36 15.42
C ARG B 186 -12.74 -12.54 16.92
N ASN B 187 -11.57 -12.03 17.36
CA ASN B 187 -11.14 -12.16 18.75
C ASN B 187 -11.52 -10.97 19.62
N ILE B 188 -12.38 -10.12 19.13
CA ILE B 188 -12.91 -9.00 19.94
C ILE B 188 -14.36 -9.35 20.19
N LEU B 189 -14.75 -9.46 21.47
CA LEU B 189 -16.10 -9.83 21.86
C LEU B 189 -16.87 -8.65 22.35
N LEU B 190 -18.13 -8.54 21.92
CA LEU B 190 -18.99 -7.43 22.28
C LEU B 190 -19.82 -7.77 23.51
N ALA B 191 -19.45 -7.20 24.68
CA ALA B 191 -20.16 -7.44 25.95
C ALA B 191 -21.41 -6.54 26.03
N ARG B 192 -21.35 -5.33 25.48
CA ARG B 192 -22.47 -4.40 25.46
C ARG B 192 -22.43 -3.75 24.09
N LEU B 193 -23.59 -3.66 23.42
CA LEU B 193 -23.71 -3.07 22.08
C LEU B 193 -23.47 -1.58 22.04
N GLY B 194 -24.05 -0.83 22.97
CA GLY B 194 -23.89 0.62 23.01
C GLY B 194 -24.35 1.39 21.78
N LEU B 195 -25.55 1.04 21.24
CA LEU B 195 -26.16 1.71 20.08
C LEU B 195 -27.26 2.71 20.48
N ALA B 196 -27.98 2.41 21.56
CA ALA B 196 -29.06 3.22 22.13
C ALA B 196 -28.50 4.56 22.59
N GLU B 197 -29.32 5.62 22.56
CA GLU B 197 -28.89 6.95 22.98
C GLU B 197 -28.39 6.91 24.42
N GLY B 198 -27.26 7.56 24.68
CA GLY B 198 -26.66 7.59 26.01
C GLY B 198 -25.92 6.35 26.46
N THR B 199 -25.64 5.41 25.54
CA THR B 199 -24.88 4.20 25.87
C THR B 199 -23.57 4.15 25.03
N SER B 200 -22.61 3.30 25.43
CA SER B 200 -21.34 3.13 24.67
C SER B 200 -21.05 1.64 24.59
N PRO B 201 -20.37 1.16 23.52
CA PRO B 201 -20.06 -0.28 23.46
C PRO B 201 -19.04 -0.68 24.51
N PHE B 202 -18.93 -1.98 24.78
CA PHE B 202 -17.94 -2.50 25.71
C PHE B 202 -17.41 -3.79 25.11
N ILE B 203 -16.10 -3.84 24.85
CA ILE B 203 -15.48 -5.01 24.24
C ILE B 203 -14.54 -5.72 25.18
N LYS B 204 -14.25 -6.99 24.87
CA LYS B 204 -13.26 -7.78 25.59
C LYS B 204 -12.39 -8.48 24.54
N LEU B 205 -11.09 -8.27 24.59
CA LEU B 205 -10.16 -8.96 23.69
C LEU B 205 -10.09 -10.39 24.21
N SER B 206 -10.38 -11.36 23.32
CA SER B 206 -10.42 -12.77 23.68
CA SER B 206 -10.42 -12.77 23.66
C SER B 206 -9.03 -13.41 23.69
N ASP B 207 -8.94 -14.68 24.12
CA ASP B 207 -7.68 -15.39 24.15
C ASP B 207 -7.16 -15.58 22.73
N PRO B 208 -5.84 -15.64 22.53
CA PRO B 208 -5.33 -15.81 21.16
C PRO B 208 -5.38 -17.21 20.54
N GLY B 209 -5.96 -18.21 21.25
CA GLY B 209 -6.02 -19.61 20.77
C GLY B 209 -4.63 -20.22 20.65
N VAL B 210 -4.41 -21.17 19.72
CA VAL B 210 -3.10 -21.80 19.54
C VAL B 210 -2.08 -20.74 19.12
N GLY B 211 -0.97 -20.65 19.85
CA GLY B 211 0.09 -19.68 19.61
C GLY B 211 0.63 -19.73 18.20
N LEU B 212 0.86 -18.54 17.65
CA LEU B 212 1.34 -18.31 16.29
C LEU B 212 2.60 -19.11 15.91
N GLY B 213 3.51 -19.29 16.87
CA GLY B 213 4.74 -20.07 16.68
C GLY B 213 4.54 -21.55 16.38
N ALA B 214 3.37 -22.11 16.72
CA ALA B 214 3.10 -23.53 16.47
C ALA B 214 2.38 -23.83 15.14
N LEU B 215 1.89 -22.78 14.44
CA LEU B 215 1.14 -22.94 13.22
C LEU B 215 2.03 -23.13 11.97
N SER B 216 1.44 -23.68 10.91
CA SER B 216 2.10 -23.90 9.62
C SER B 216 2.17 -22.58 8.86
N ARG B 217 3.04 -22.50 7.84
CA ARG B 217 3.15 -21.29 7.01
C ARG B 217 1.81 -20.99 6.35
N GLU B 218 1.10 -22.03 5.87
CA GLU B 218 -0.21 -21.84 5.23
C GLU B 218 -1.21 -21.19 6.19
N GLU B 219 -1.17 -21.57 7.49
CA GLU B 219 -2.10 -20.98 8.46
C GLU B 219 -1.72 -19.54 8.75
N ARG B 220 -0.42 -19.22 8.75
CA ARG B 220 0.07 -17.83 8.96
C ARG B 220 -0.38 -16.95 7.79
N VAL B 221 -0.28 -17.48 6.56
CA VAL B 221 -0.74 -16.76 5.35
C VAL B 221 -2.24 -16.47 5.41
N GLU B 222 -3.02 -17.43 5.92
CA GLU B 222 -4.46 -17.26 6.10
C GLU B 222 -4.77 -16.13 7.08
N ARG B 223 -3.81 -15.76 7.96
CA ARG B 223 -3.99 -14.68 8.96
C ARG B 223 -3.65 -13.29 8.41
N ILE B 224 -3.18 -13.20 7.14
CA ILE B 224 -2.94 -11.90 6.51
C ILE B 224 -4.34 -11.27 6.24
N PRO B 225 -4.60 -9.98 6.54
CA PRO B 225 -3.66 -8.88 6.87
C PRO B 225 -3.44 -8.61 8.36
N TRP B 226 -3.99 -9.44 9.25
CA TRP B 226 -3.76 -9.22 10.70
C TRP B 226 -2.36 -9.66 11.11
N LEU B 227 -1.81 -10.68 10.42
CA LEU B 227 -0.47 -11.21 10.70
C LEU B 227 0.60 -10.13 10.45
N ALA B 228 1.54 -9.88 11.42
CA ALA B 228 2.61 -8.91 11.18
C ALA B 228 3.55 -9.52 10.13
N PRO B 229 4.04 -8.75 9.16
CA PRO B 229 4.84 -9.35 8.07
C PRO B 229 6.12 -10.05 8.53
N GLU B 230 6.75 -9.62 9.64
CA GLU B 230 7.96 -10.27 10.19
C GLU B 230 7.67 -11.69 10.70
N CYS B 231 6.38 -12.02 10.92
CA CYS B 231 5.97 -13.33 11.41
C CYS B 231 5.71 -14.29 10.27
N LEU B 232 5.78 -13.80 9.02
CA LEU B 232 5.52 -14.68 7.87
C LEU B 232 6.64 -15.74 7.70
N PRO B 233 7.96 -15.39 7.67
CA PRO B 233 8.98 -16.45 7.51
C PRO B 233 9.17 -17.35 8.73
N SER B 240 7.73 -10.76 18.76
CA SER B 240 8.01 -9.60 19.59
C SER B 240 6.76 -8.82 19.94
N THR B 241 6.86 -7.87 20.88
CA THR B 241 5.73 -7.03 21.27
C THR B 241 5.22 -6.24 20.07
N ALA B 242 6.12 -5.97 19.08
CA ALA B 242 5.73 -5.16 17.94
C ALA B 242 4.71 -5.81 17.02
N MET B 243 4.56 -7.15 17.02
CA MET B 243 3.56 -7.79 16.14
C MET B 243 2.11 -7.34 16.42
N ASP B 244 1.77 -7.09 17.69
CA ASP B 244 0.42 -6.66 18.06
C ASP B 244 0.09 -5.26 17.58
N LYS B 245 1.12 -4.40 17.32
CA LYS B 245 0.82 -3.06 16.77
C LYS B 245 0.30 -3.20 15.32
N TRP B 246 0.88 -4.11 14.55
CA TRP B 246 0.39 -4.37 13.19
C TRP B 246 -1.04 -4.97 13.25
N GLY B 247 -1.25 -5.99 14.11
CA GLY B 247 -2.56 -6.63 14.27
C GLY B 247 -3.65 -5.64 14.67
N PHE B 248 -3.30 -4.72 15.57
CA PHE B 248 -4.19 -3.63 15.99
C PHE B 248 -4.52 -2.73 14.79
N GLY B 249 -3.50 -2.31 14.03
CA GLY B 249 -3.73 -1.47 12.84
C GLY B 249 -4.66 -2.12 11.82
N ALA B 250 -4.42 -3.41 11.51
CA ALA B 250 -5.28 -4.14 10.55
C ALA B 250 -6.71 -4.31 11.10
N THR B 251 -6.83 -4.46 12.43
CA THR B 251 -8.17 -4.57 13.06
C THR B 251 -8.88 -3.23 12.95
N LEU B 252 -8.17 -2.10 13.09
CA LEU B 252 -8.81 -0.79 12.91
C LEU B 252 -9.34 -0.69 11.47
N LEU B 253 -8.60 -1.18 10.46
CA LEU B 253 -9.13 -1.15 9.08
C LEU B 253 -10.37 -2.05 8.97
N GLU B 254 -10.30 -3.23 9.58
CA GLU B 254 -11.43 -4.18 9.56
C GLU B 254 -12.69 -3.51 10.17
N ILE B 255 -12.51 -2.79 11.29
CA ILE B 255 -13.63 -2.10 11.97
C ILE B 255 -14.15 -0.97 11.09
N CYS B 256 -13.25 -0.12 10.56
CA CYS B 256 -13.65 0.97 9.69
CA CYS B 256 -13.65 0.97 9.69
C CYS B 256 -14.48 0.48 8.51
N PHE B 257 -14.06 -0.64 7.89
CA PHE B 257 -14.77 -1.21 6.74
C PHE B 257 -15.91 -2.17 7.13
N ASP B 258 -16.51 -1.98 8.33
CA ASP B 258 -17.67 -2.76 8.78
C ASP B 258 -17.46 -4.26 8.69
N GLY B 259 -16.30 -4.72 9.17
CA GLY B 259 -15.99 -6.14 9.23
C GLY B 259 -15.47 -6.77 7.96
N GLU B 260 -15.16 -5.96 6.95
CA GLU B 260 -14.61 -6.48 5.70
C GLU B 260 -13.14 -6.01 5.67
N ALA B 261 -12.24 -6.86 6.16
CA ALA B 261 -10.83 -6.48 6.19
C ALA B 261 -10.25 -6.46 4.76
N PRO B 262 -9.36 -5.52 4.42
CA PRO B 262 -8.74 -5.55 3.07
C PRO B 262 -8.01 -6.88 2.90
N LEU B 263 -8.00 -7.40 1.67
CA LEU B 263 -7.37 -8.68 1.30
C LEU B 263 -8.08 -9.93 1.81
N GLN B 264 -9.01 -9.79 2.79
CA GLN B 264 -9.77 -10.89 3.45
C GLN B 264 -10.29 -11.90 2.42
N SER B 265 -10.67 -11.42 1.23
CA SER B 265 -11.21 -12.17 0.10
C SER B 265 -10.16 -12.74 -0.85
N ARG B 266 -8.96 -12.11 -0.95
CA ARG B 266 -7.87 -12.52 -1.84
C ARG B 266 -7.38 -13.96 -1.55
N SER B 267 -6.76 -14.58 -2.55
CA SER B 267 -6.27 -15.95 -2.39
C SER B 267 -5.04 -16.01 -1.48
N PRO B 268 -4.66 -17.18 -0.91
CA PRO B 268 -3.40 -17.23 -0.13
C PRO B 268 -2.20 -16.73 -0.93
N SER B 269 -2.11 -17.07 -2.25
CA SER B 269 -0.93 -16.63 -3.02
C SER B 269 -0.90 -15.12 -3.18
N GLU B 270 -2.10 -14.51 -3.39
CA GLU B 270 -2.21 -13.07 -3.54
C GLU B 270 -1.85 -12.36 -2.23
N LYS B 271 -2.32 -12.90 -1.09
CA LYS B 271 -1.99 -12.32 0.23
C LYS B 271 -0.47 -12.40 0.48
N GLU B 272 0.15 -13.58 0.22
CA GLU B 272 1.60 -13.70 0.47
C GLU B 272 2.39 -12.73 -0.43
N HIS B 273 2.00 -12.58 -1.71
CA HIS B 273 2.68 -11.68 -2.66
C HIS B 273 2.61 -10.22 -2.19
N PHE B 274 1.44 -9.80 -1.66
CA PHE B 274 1.25 -8.45 -1.15
C PHE B 274 2.33 -8.16 -0.12
N TYR B 275 2.56 -9.08 0.84
CA TYR B 275 3.60 -8.87 1.84
C TYR B 275 5.02 -8.94 1.26
N GLN B 276 5.26 -9.90 0.34
CA GLN B 276 6.59 -10.11 -0.28
C GLN B 276 7.08 -8.83 -0.99
N ARG B 277 6.15 -8.14 -1.65
CA ARG B 277 6.45 -6.90 -2.36
C ARG B 277 6.32 -5.66 -1.48
N GLN B 278 5.88 -5.84 -0.22
CA GLN B 278 5.72 -4.79 0.78
C GLN B 278 4.74 -3.70 0.27
N HIS B 279 3.65 -4.17 -0.40
CA HIS B 279 2.55 -3.29 -0.79
C HIS B 279 1.90 -2.84 0.53
N ARG B 280 1.24 -1.67 0.53
CA ARG B 280 0.69 -1.15 1.77
C ARG B 280 -0.82 -1.19 1.77
N LEU B 281 -1.38 -1.44 2.95
CA LEU B 281 -2.82 -1.54 3.11
C LEU B 281 -3.51 -0.19 2.84
N PRO B 282 -4.79 -0.21 2.43
CA PRO B 282 -5.48 1.07 2.15
C PRO B 282 -5.66 1.93 3.39
N GLU B 283 -5.90 3.24 3.16
CA GLU B 283 -6.18 4.17 4.24
C GLU B 283 -7.59 3.83 4.77
N PRO B 284 -7.84 3.95 6.09
CA PRO B 284 -9.19 3.61 6.61
C PRO B 284 -10.23 4.63 6.15
N SER B 285 -11.52 4.22 6.21
CA SER B 285 -12.67 5.06 5.89
C SER B 285 -12.93 6.09 7.02
N CYS B 286 -12.36 5.86 8.23
CA CYS B 286 -12.43 6.78 9.38
C CYS B 286 -11.24 7.75 9.16
N PRO B 287 -11.45 9.04 8.78
CA PRO B 287 -10.28 9.93 8.57
C PRO B 287 -9.45 10.20 9.81
N GLN B 288 -10.07 10.14 11.00
CA GLN B 288 -9.38 10.33 12.29
C GLN B 288 -8.38 9.20 12.59
N LEU B 289 -8.51 8.04 11.92
CA LEU B 289 -7.61 6.90 12.14
C LEU B 289 -6.50 6.73 11.06
N ALA B 290 -6.52 7.52 9.96
CA ALA B 290 -5.54 7.39 8.86
C ALA B 290 -4.06 7.46 9.28
N THR B 291 -3.68 8.46 10.07
CA THR B 291 -2.29 8.61 10.51
C THR B 291 -1.89 7.42 11.38
N LEU B 292 -2.71 7.12 12.40
CA LEU B 292 -2.46 6.02 13.32
C LEU B 292 -2.32 4.66 12.63
N THR B 293 -3.26 4.33 11.71
CA THR B 293 -3.20 3.04 11.00
C THR B 293 -1.95 2.94 10.14
N SER B 294 -1.60 4.03 9.44
CA SER B 294 -0.38 4.07 8.62
C SER B 294 0.87 3.82 9.47
N GLN B 295 0.92 4.37 10.69
CA GLN B 295 2.05 4.21 11.62
C GLN B 295 2.15 2.77 12.15
N CYS B 296 1.00 2.14 12.46
CA CYS B 296 1.00 0.77 12.96
C CYS B 296 1.35 -0.21 11.83
N LEU B 297 0.89 0.07 10.61
CA LEU B 297 1.04 -0.81 9.46
C LEU B 297 2.31 -0.50 8.63
N THR B 298 3.43 -0.40 9.35
CA THR B 298 4.75 -0.18 8.75
C THR B 298 5.48 -1.52 8.81
N TYR B 299 6.15 -1.89 7.71
CA TYR B 299 6.86 -3.15 7.63
C TYR B 299 7.99 -3.22 8.66
N GLU B 300 8.71 -2.11 8.90
CA GLU B 300 9.80 -2.09 9.90
C GLU B 300 9.21 -2.12 11.33
N PRO B 301 9.35 -3.24 12.10
CA PRO B 301 8.70 -3.31 13.42
C PRO B 301 9.07 -2.21 14.41
N THR B 302 10.34 -1.75 14.38
CA THR B 302 10.88 -0.72 15.28
C THR B 302 10.23 0.65 15.03
N GLN B 303 9.61 0.87 13.85
CA GLN B 303 8.98 2.14 13.53
C GLN B 303 7.55 2.25 14.04
N ARG B 304 6.98 1.15 14.54
CA ARG B 304 5.61 1.17 15.05
C ARG B 304 5.54 1.87 16.41
N PRO B 305 4.54 2.73 16.70
CA PRO B 305 4.51 3.41 18.01
C PRO B 305 4.13 2.44 19.13
N SER B 306 4.46 2.79 20.37
CA SER B 306 4.10 1.95 21.52
C SER B 306 2.60 2.08 21.74
N PHE B 307 2.00 1.13 22.50
CA PHE B 307 0.59 1.23 22.82
C PHE B 307 0.35 2.39 23.78
N ARG B 308 1.39 2.81 24.55
CA ARG B 308 1.25 3.97 25.42
C ARG B 308 0.98 5.20 24.56
N THR B 309 1.73 5.37 23.45
CA THR B 309 1.49 6.53 22.58
C THR B 309 0.22 6.34 21.72
N ILE B 310 -0.10 5.11 21.26
CA ILE B 310 -1.34 4.86 20.52
C ILE B 310 -2.56 5.26 21.38
N LEU B 311 -2.59 4.76 22.63
CA LEU B 311 -3.69 5.06 23.56
C LEU B 311 -3.78 6.59 23.80
N ARG B 312 -2.64 7.29 24.00
CA ARG B 312 -2.61 8.75 24.17
C ARG B 312 -3.18 9.48 22.93
N ASP B 313 -2.76 9.10 21.71
CA ASP B 313 -3.26 9.69 20.45
C ASP B 313 -4.76 9.45 20.23
N LEU B 314 -5.29 8.32 20.72
CA LEU B 314 -6.72 8.04 20.58
C LEU B 314 -7.52 8.93 21.55
N THR B 315 -6.93 9.22 22.74
CA THR B 315 -7.59 10.10 23.72
C THR B 315 -7.44 11.58 23.30
C13 3SM C . 13.60 2.32 -26.02
C17 3SM C . 14.33 1.08 -25.57
C16 3SM C . 12.37 4.68 -26.69
C15 3SM C . 11.61 3.52 -26.57
C19 3SM C . 16.57 0.17 -26.08
C21 3SM C . 17.55 -0.21 -27.16
C23 3SM C . 18.43 1.45 -28.62
C11 3SM C . 13.74 4.58 -26.52
C27 3SM C . 20.57 7.80 -26.80
N1 3SM C . 15.19 10.36 -26.66
C2 3SM C . 16.11 11.35 -26.66
N3 3SM C . 17.36 10.94 -26.73
C4 3SM C . 17.25 9.56 -26.75
C5 3SM C . 15.90 9.18 -26.71
C6 3SM C . 15.46 7.84 -26.70
C7 3SM C . 16.53 6.93 -26.71
N8 3SM C . 16.01 5.65 -26.64
C9 3SM C . 14.62 5.74 -26.66
C10 3SM C . 14.26 7.06 -26.68
N12 3SM C . 14.35 3.43 -26.17
C14 3SM C . 12.22 2.32 -26.23
N18 3SM C . 15.39 0.68 -26.47
O20 3SM C . 16.87 0.00 -24.90
O22 3SM C . 18.38 0.93 -27.29
N24 3SM C . 17.84 7.24 -26.75
C25 3SM C . 18.24 8.53 -26.77
N26 3SM C . 19.54 8.81 -26.77
C28 3SM C . 13.74 10.49 -26.63
H35 3SM C . 14.77 1.30 -24.59
H36 3SM C . 13.65 0.26 -25.38
H34 3SM C . 11.89 5.63 -26.92
H33 3SM C . 10.55 3.55 -26.79
H38 3SM C . 18.14 -1.08 -26.89
H39 3SM C . 17.02 -0.47 -28.07
H41 3SM C . 19.06 0.87 -29.31
H40 3SM C . 18.90 2.43 -28.48
H42 3SM C . 17.46 1.59 -29.06
H45 3SM C . 20.55 7.15 -25.93
H44 3SM C . 21.56 8.26 -26.86
H46 3SM C . 20.46 7.13 -27.67
H29 3SM C . 15.85 12.40 -26.58
H30 3SM C . 16.55 4.80 -26.60
H31 3SM C . 13.26 7.48 -26.69
H32 3SM C . 11.64 1.42 -26.12
H37 3SM C . 15.19 0.82 -27.46
H43 3SM C . 19.83 9.78 -26.76
H48 3SM C . 13.36 10.33 -25.61
H47 3SM C . 13.25 9.77 -27.28
H49 3SM C . 13.46 11.49 -26.95
S SO4 D . -9.75 -7.04 -1.49
O1 SO4 D . -9.84 -8.43 -1.09
O2 SO4 D . -8.45 -6.78 -2.07
O3 SO4 D . -9.95 -6.18 -0.35
O4 SO4 D . -10.80 -6.82 -2.48
S SO4 E . 5.81 7.82 -25.69
O1 SO4 E . 7.21 7.93 -25.29
O2 SO4 E . 5.28 6.53 -25.29
O3 SO4 E . 5.75 8.00 -27.15
O4 SO4 E . 5.00 8.83 -25.02
C13 3SM F . -18.20 -18.04 14.78
C17 3SM F . -19.18 -17.67 13.69
C16 3SM F . -16.46 -18.55 16.82
C15 3SM F . -16.15 -18.98 15.54
C19 3SM F . -21.65 -17.57 13.63
C21 3SM F . -22.94 -18.30 13.91
C23 3SM F . -23.53 -18.90 16.13
C11 3SM F . -17.67 -17.92 17.03
C27 3SM F . -22.69 -14.98 21.85
N1 3SM F . -16.88 -16.11 22.64
C2 3SM F . -17.35 -15.58 23.80
N3 3SM F . -18.63 -15.32 23.81
C4 3SM F . -19.06 -15.70 22.54
C5 3SM F . -17.98 -16.21 21.80
C6 3SM F . -18.08 -16.68 20.48
C7 3SM F . -19.37 -16.53 19.95
N8 3SM F . -19.34 -16.93 18.63
C9 3SM F . -18.08 -17.41 18.35
C10 3SM F . -17.29 -17.24 19.45
N12 3SM F . -18.53 -17.65 16.03
C14 3SM F . -17.03 -18.72 14.50
N18 3SM F . -20.52 -18.22 13.93
O20 3SM F . -21.68 -16.45 13.14
O22 3SM F . -23.31 -17.84 15.21
N24 3SM F . -20.44 -16.04 20.62
C25 3SM F . -20.33 -15.62 21.89
N26 3SM F . -21.39 -15.09 22.50
C28 3SM F . -15.51 -16.52 22.34
H35 3SM F . -19.22 -16.59 13.68
H36 3SM F . -18.80 -17.95 12.71
H34 3SM F . -15.74 -18.72 17.62
H33 3SM F . -15.24 -19.55 15.37
H38 3SM F . -23.72 -18.04 13.19
H39 3SM F . -22.80 -19.37 13.85
H41 3SM F . -23.73 -18.55 17.14
H40 3SM F . -24.41 -19.41 15.75
H42 3SM F . -22.70 -19.62 16.17
H45 3SM F . -23.09 -15.96 21.56
H44 3SM F . -23.42 -14.54 22.52
H46 3SM F . -22.65 -14.37 20.95
H29 3SM F . -16.69 -15.34 24.62
H30 3SM F . -20.12 -16.91 17.99
H31 3SM F . -16.23 -17.49 19.55
H32 3SM F . -16.79 -19.02 13.48
H37 3SM F . -20.54 -19.15 14.34
H43 3SM F . -21.29 -14.75 23.44
H48 3SM F . -15.00 -15.77 21.73
H47 3SM F . -15.49 -17.46 21.77
H49 3SM F . -14.91 -16.68 23.23
S SO4 G . 4.71 -6.23 -8.10
O1 SO4 G . 5.65 -7.29 -7.76
O2 SO4 G . 4.98 -5.02 -7.31
O3 SO4 G . 4.88 -5.99 -9.53
O4 SO4 G . 3.36 -6.66 -7.80
S SO4 H . -8.90 -19.12 17.30
O1 SO4 H . -9.41 -20.31 17.99
O2 SO4 H . -7.46 -18.97 17.56
O3 SO4 H . -9.10 -19.24 15.86
O4 SO4 H . -9.60 -17.93 17.79
S SO4 I . -26.80 -3.62 25.42
O1 SO4 I . -25.84 -4.64 25.00
O2 SO4 I . -26.66 -3.37 26.85
O3 SO4 I . -26.56 -2.35 24.72
O4 SO4 I . -28.14 -4.14 25.10
#